data_6U75
#
_entry.id   6U75
#
_cell.length_a   61.916
_cell.length_b   80.689
_cell.length_c   76.527
_cell.angle_alpha   90.000
_cell.angle_beta   94.995
_cell.angle_gamma   90.000
#
_symmetry.space_group_name_H-M   'P 1 21 1'
#
loop_
_entity.id
_entity.type
_entity.pdbx_description
1 polymer 'E3 SUMO-protein ligase SIZ2'
2 non-polymer 'ZINC ION'
3 water water
#
_entity_poly.entity_id   1
_entity_poly.type   'polypeptide(L)'
_entity_poly.pdbx_seq_one_letter_code
;SLFTSPFYKPIVQIPDANKKLKQSAGRGCTKMKFKVSKSNHDLLKSNKSYKLYLFSGFSIPFIYETVGHEAIDFPYPCEL
VFNGTKLEDNVKGLKKQNGTGNPANLTPYLKVPTEMNHLDLHYLNIDKEYSISCFIVEVFSPEALLGKILKRPKIIKQAT
TAYIKRTLNEQDDDDIITTSTVLSLQCPISCTRMKYPAKTDQCKHIQCFDALWFLHSQSQVPTWQCPICQHPIKFDQLKI
SEFVDNIIQNCNEDVEQVEISVDGSWKPI
;
_entity_poly.pdbx_strand_id   A,B
#
loop_
_chem_comp.id
_chem_comp.type
_chem_comp.name
_chem_comp.formula
ZN non-polymer 'ZINC ION' 'Zn 2'
#
# COMPACT_ATOMS: atom_id res chain seq x y z
N LEU A 2 -11.61 9.00 13.22
CA LEU A 2 -10.74 7.85 13.45
C LEU A 2 -10.29 7.26 12.11
N PHE A 3 -9.08 6.72 12.10
CA PHE A 3 -8.53 6.05 10.91
C PHE A 3 -9.08 4.65 10.70
N THR A 4 -10.35 4.42 11.04
CA THR A 4 -11.04 3.20 10.66
C THR A 4 -11.59 3.25 9.25
N SER A 5 -11.36 4.35 8.53
CA SER A 5 -11.88 4.53 7.18
C SER A 5 -10.92 3.92 6.16
N PRO A 6 -11.44 3.29 5.11
CA PRO A 6 -10.56 2.75 4.07
C PRO A 6 -10.10 3.78 3.05
N PHE A 7 -10.62 5.00 3.10
CA PHE A 7 -10.30 6.00 2.10
C PHE A 7 -8.99 6.73 2.39
N TYR A 8 -8.52 6.69 3.63
CA TYR A 8 -7.27 7.36 4.00
C TYR A 8 -6.59 6.57 5.10
N LYS A 9 -5.27 6.52 5.07
CA LYS A 9 -4.49 5.83 6.09
C LYS A 9 -3.28 6.69 6.47
N PRO A 10 -2.91 6.70 7.75
CA PRO A 10 -1.87 7.64 8.20
C PRO A 10 -0.48 7.21 7.78
N ILE A 11 0.34 8.19 7.46
CA ILE A 11 1.75 7.99 7.16
C ILE A 11 2.64 8.61 8.23
N VAL A 12 2.29 9.80 8.69
CA VAL A 12 3.03 10.48 9.76
C VAL A 12 2.16 11.59 10.31
N GLN A 13 2.20 11.76 11.63
CA GLN A 13 1.54 12.87 12.27
C GLN A 13 2.40 14.12 12.18
N ILE A 14 1.76 15.25 11.93
CA ILE A 14 2.49 16.53 11.85
C ILE A 14 2.71 17.04 13.26
N PRO A 15 3.95 17.34 13.65
CA PRO A 15 4.18 17.86 15.01
C PRO A 15 3.77 19.32 15.14
N ASP A 16 3.39 19.68 16.35
CA ASP A 16 2.98 21.05 16.68
C ASP A 16 1.75 21.49 15.91
N ALA A 17 0.95 20.53 15.43
CA ALA A 17 -0.30 20.82 14.74
C ALA A 17 -1.50 20.28 15.48
N ASN A 18 -1.39 20.09 16.79
CA ASN A 18 -2.49 19.65 17.63
C ASN A 18 -3.09 20.84 18.35
N LYS A 19 -4.36 20.69 18.75
CA LYS A 19 -5.00 21.76 19.49
C LYS A 19 -6.23 21.22 20.21
N LYS A 20 -6.43 21.68 21.45
CA LYS A 20 -7.64 21.39 22.20
C LYS A 20 -8.58 22.57 22.11
N LEU A 21 -9.83 22.30 21.74
CA LEU A 21 -10.88 23.31 21.70
C LEU A 21 -11.78 23.13 22.92
N LYS A 22 -11.83 24.15 23.75
CA LYS A 22 -12.60 24.10 24.98
C LYS A 22 -14.00 24.68 24.78
N GLN A 23 -14.89 24.35 25.70
CA GLN A 23 -16.26 24.82 25.61
C GLN A 23 -16.32 26.34 25.62
N SER A 24 -17.24 26.89 24.84
CA SER A 24 -17.45 28.32 24.74
C SER A 24 -18.95 28.62 24.83
N ALA A 25 -19.31 29.61 25.63
CA ALA A 25 -20.71 30.01 25.73
C ALA A 25 -21.22 30.52 24.39
N GLY A 26 -20.47 31.40 23.75
CA GLY A 26 -20.88 31.99 22.49
C GLY A 26 -19.76 32.22 21.51
N ARG A 27 -19.91 33.26 20.69
CA ARG A 27 -18.98 33.62 19.63
C ARG A 27 -17.52 33.35 20.00
N GLY A 28 -16.71 32.94 19.02
CA GLY A 28 -15.30 32.74 19.29
C GLY A 28 -14.55 32.30 18.05
N CYS A 29 -13.22 32.37 18.16
CA CYS A 29 -12.31 31.97 17.09
C CYS A 29 -11.05 31.39 17.72
N THR A 30 -10.60 30.24 17.22
CA THR A 30 -9.39 29.58 17.70
C THR A 30 -8.36 29.55 16.58
N LYS A 31 -7.13 29.91 16.92
CA LYS A 31 -6.04 30.03 15.95
C LYS A 31 -4.98 28.97 16.20
N MET A 32 -4.35 28.51 15.13
CA MET A 32 -3.28 27.53 15.21
C MET A 32 -2.17 27.93 14.25
N LYS A 33 -0.96 28.07 14.77
CA LYS A 33 0.22 28.27 13.94
C LYS A 33 1.01 26.96 13.89
N PHE A 34 1.45 26.59 12.69
CA PHE A 34 2.39 25.47 12.59
C PHE A 34 3.10 25.52 11.25
N LYS A 35 4.26 24.88 11.22
CA LYS A 35 5.08 24.74 10.03
C LYS A 35 5.09 23.30 9.57
N VAL A 36 5.29 23.09 8.28
CA VAL A 36 5.42 21.77 7.68
C VAL A 36 6.83 21.68 7.13
N SER A 37 7.68 20.86 7.76
CA SER A 37 9.08 20.75 7.40
C SER A 37 9.27 20.51 5.91
N LYS A 38 10.48 20.81 5.41
CA LYS A 38 10.78 20.54 4.01
C LYS A 38 10.81 19.05 3.72
N SER A 39 11.17 18.23 4.73
CA SER A 39 11.14 16.79 4.54
C SER A 39 9.72 16.29 4.32
N ASN A 40 8.76 16.82 5.07
CA ASN A 40 7.37 16.43 4.87
C ASN A 40 6.83 16.94 3.53
N HIS A 41 7.30 18.10 3.07
CA HIS A 41 6.96 18.55 1.71
C HIS A 41 7.50 17.57 0.67
N ASP A 42 8.76 17.15 0.83
CA ASP A 42 9.33 16.18 -0.09
C ASP A 42 8.56 14.87 -0.05
N LEU A 43 8.08 14.48 1.14
CA LEU A 43 7.29 13.27 1.25
C LEU A 43 5.95 13.41 0.51
N LEU A 44 5.27 14.55 0.69
CA LEU A 44 4.05 14.80 -0.07
C LEU A 44 4.31 14.74 -1.57
N LYS A 45 5.45 15.27 -2.01
CA LYS A 45 5.79 15.23 -3.43
C LYS A 45 6.23 13.86 -3.89
N SER A 46 6.61 12.97 -2.97
CA SER A 46 7.12 11.66 -3.34
C SER A 46 6.02 10.72 -3.82
N ASN A 47 4.77 11.00 -3.49
CA ASN A 47 3.67 10.11 -3.86
C ASN A 47 2.43 10.95 -4.10
N LYS A 48 1.80 10.75 -5.27
CA LYS A 48 0.65 11.55 -5.66
C LYS A 48 -0.55 11.32 -4.75
N SER A 49 -0.59 10.20 -4.04
CA SER A 49 -1.72 9.86 -3.18
C SER A 49 -1.57 10.37 -1.76
N TYR A 50 -0.50 11.13 -1.46
CA TYR A 50 -0.29 11.66 -0.12
C TYR A 50 -0.88 13.06 -0.02
N LYS A 51 -1.71 13.27 1.00
CA LYS A 51 -2.34 14.55 1.25
C LYS A 51 -2.20 14.89 2.74
N LEU A 52 -2.32 16.18 3.04
CA LEU A 52 -2.31 16.66 4.43
C LEU A 52 -3.75 16.89 4.85
N TYR A 53 -4.23 16.06 5.78
CA TYR A 53 -5.62 16.07 6.21
C TYR A 53 -5.71 16.57 7.65
N LEU A 54 -6.65 17.48 7.89
CA LEU A 54 -7.02 17.95 9.21
C LEU A 54 -8.12 17.05 9.76
N PHE A 55 -8.00 16.70 11.04
CA PHE A 55 -8.95 15.83 11.71
C PHE A 55 -9.45 16.51 12.98
N SER A 56 -10.73 16.28 13.30
CA SER A 56 -11.34 16.80 14.51
C SER A 56 -12.16 15.69 15.14
N GLY A 57 -12.06 15.55 16.47
CA GLY A 57 -12.78 14.52 17.17
C GLY A 57 -13.24 14.99 18.53
N PHE A 58 -14.23 14.29 19.07
CA PHE A 58 -14.68 14.57 20.42
C PHE A 58 -13.58 14.25 21.41
N SER A 59 -13.29 15.19 22.30
CA SER A 59 -12.24 15.05 23.30
C SER A 59 -12.90 14.64 24.62
N ILE A 60 -12.99 13.33 24.85
CA ILE A 60 -13.58 12.81 26.07
C ILE A 60 -12.64 13.17 27.23
N PRO A 61 -13.09 13.93 28.22
CA PRO A 61 -12.21 14.34 29.31
C PRO A 61 -12.14 13.28 30.41
N PHE A 62 -11.24 13.52 31.36
CA PHE A 62 -11.05 12.73 32.57
C PHE A 62 -10.39 11.38 32.30
N ILE A 63 -10.06 11.05 31.05
CA ILE A 63 -9.41 9.79 30.71
C ILE A 63 -8.37 10.03 29.63
N TYR A 64 -7.47 9.06 29.49
CA TYR A 64 -6.44 9.12 28.46
C TYR A 64 -7.04 8.85 27.09
N GLU A 65 -6.56 9.59 26.08
CA GLU A 65 -7.03 9.43 24.72
C GLU A 65 -5.84 9.45 23.77
N THR A 66 -5.96 8.72 22.67
CA THR A 66 -4.92 8.66 21.66
C THR A 66 -5.14 9.71 20.58
N VAL A 67 -4.14 9.87 19.72
CA VAL A 67 -4.15 10.98 18.76
C VAL A 67 -5.18 10.76 17.66
N GLY A 68 -5.47 9.51 17.32
CA GLY A 68 -6.32 9.23 16.17
C GLY A 68 -7.60 8.48 16.50
N HIS A 69 -7.63 7.79 17.64
CA HIS A 69 -8.75 6.90 17.96
C HIS A 69 -10.10 7.61 17.94
N GLU A 70 -10.13 8.94 17.93
CA GLU A 70 -11.39 9.65 17.99
C GLU A 70 -12.13 9.57 16.66
N ALA A 71 -13.43 9.30 16.72
CA ALA A 71 -14.26 9.38 15.53
C ALA A 71 -14.33 10.82 15.04
N ILE A 72 -14.36 11.00 13.72
CA ILE A 72 -14.26 12.33 13.13
C ILE A 72 -15.52 13.12 13.51
N ASP A 73 -15.35 14.17 14.31
CA ASP A 73 -16.44 15.05 14.70
C ASP A 73 -15.91 16.47 14.73
N PHE A 74 -16.40 17.30 13.82
CA PHE A 74 -16.11 18.72 13.82
C PHE A 74 -17.21 19.47 14.57
N PRO A 75 -16.89 20.61 15.19
CA PRO A 75 -17.94 21.43 15.79
C PRO A 75 -18.82 22.04 14.71
N TYR A 76 -20.12 21.86 14.84
CA TYR A 76 -21.07 22.44 13.88
C TYR A 76 -21.86 23.55 14.54
N PRO A 77 -21.92 24.76 13.96
CA PRO A 77 -21.24 25.18 12.73
C PRO A 77 -19.77 25.50 12.93
N CYS A 78 -19.01 25.50 11.84
CA CYS A 78 -17.60 25.83 11.88
C CYS A 78 -17.20 26.48 10.58
N GLU A 79 -16.31 27.47 10.67
CA GLU A 79 -15.69 28.07 9.49
C GLU A 79 -14.18 27.87 9.62
N LEU A 80 -13.62 27.07 8.73
CA LEU A 80 -12.18 26.80 8.70
C LEU A 80 -11.53 27.66 7.64
N VAL A 81 -10.48 28.38 8.01
CA VAL A 81 -9.75 29.25 7.11
C VAL A 81 -8.27 28.90 7.24
N PHE A 82 -7.70 28.33 6.19
CA PHE A 82 -6.30 27.91 6.17
C PHE A 82 -5.54 28.86 5.25
N ASN A 83 -4.70 29.70 5.83
CA ASN A 83 -3.89 30.67 5.06
C ASN A 83 -4.78 31.61 4.26
N GLY A 84 -5.84 32.11 4.91
CA GLY A 84 -6.75 33.05 4.29
C GLY A 84 -7.83 32.46 3.42
N THR A 85 -7.62 31.26 2.87
CA THR A 85 -8.60 30.62 2.01
C THR A 85 -9.55 29.78 2.85
N LYS A 86 -10.85 30.03 2.69
CA LYS A 86 -11.85 29.22 3.37
C LYS A 86 -11.85 27.80 2.79
N LEU A 87 -12.10 26.83 3.66
CA LEU A 87 -12.18 25.43 3.27
C LEU A 87 -13.64 25.09 2.95
N GLU A 88 -13.91 24.77 1.69
CA GLU A 88 -15.26 24.39 1.27
C GLU A 88 -15.58 22.93 1.58
N ASP A 89 -14.64 22.20 2.17
CA ASP A 89 -14.88 20.79 2.46
C ASP A 89 -16.14 20.63 3.32
N ASN A 90 -16.89 19.55 3.04
CA ASN A 90 -18.02 19.16 3.88
C ASN A 90 -17.48 18.41 5.09
N VAL A 91 -16.86 19.17 5.98
CA VAL A 91 -16.07 18.57 7.07
C VAL A 91 -16.95 17.69 7.95
N LYS A 92 -18.18 18.13 8.23
CA LYS A 92 -19.08 17.39 9.12
C LYS A 92 -20.39 17.13 8.37
N GLY A 93 -20.47 15.99 7.70
CA GLY A 93 -21.69 15.59 7.06
C GLY A 93 -22.64 14.86 8.00
N LEU A 94 -23.91 14.85 7.64
CA LEU A 94 -24.96 14.24 8.46
C LEU A 94 -24.92 14.83 9.88
N LYS A 95 -25.40 16.07 9.97
CA LYS A 95 -25.35 16.80 11.23
C LYS A 95 -26.05 16.05 12.35
N LYS A 96 -27.02 15.20 12.01
CA LYS A 96 -27.81 14.48 13.02
C LYS A 96 -27.04 13.34 13.66
N GLN A 97 -26.01 12.82 13.01
CA GLN A 97 -25.27 11.67 13.50
C GLN A 97 -23.84 12.08 13.86
N ASN A 98 -23.30 11.42 14.87
CA ASN A 98 -21.94 11.67 15.35
C ASN A 98 -20.99 10.65 14.74
N GLY A 99 -19.80 11.11 14.38
CA GLY A 99 -18.81 10.25 13.76
C GLY A 99 -18.92 10.14 12.26
N THR A 100 -19.82 10.91 11.62
CA THR A 100 -20.02 10.87 10.19
C THR A 100 -19.37 12.05 9.48
N GLY A 101 -18.30 12.60 10.05
CA GLY A 101 -17.59 13.71 9.45
C GLY A 101 -16.43 13.25 8.60
N ASN A 102 -16.00 14.12 7.71
CA ASN A 102 -14.84 13.89 6.87
C ASN A 102 -13.71 14.83 7.26
N PRO A 103 -12.47 14.48 6.92
CA PRO A 103 -11.35 15.41 7.16
C PRO A 103 -11.33 16.52 6.11
N ALA A 104 -10.54 17.54 6.40
CA ALA A 104 -10.34 18.68 5.51
C ALA A 104 -8.98 18.57 4.84
N ASN A 105 -8.95 18.79 3.54
CA ASN A 105 -7.71 18.68 2.76
C ASN A 105 -7.01 20.03 2.75
N LEU A 106 -5.87 20.11 3.41
CA LEU A 106 -5.07 21.33 3.47
C LEU A 106 -3.97 21.35 2.42
N THR A 107 -3.82 20.30 1.62
CA THR A 107 -2.67 20.18 0.73
C THR A 107 -2.54 21.35 -0.24
N PRO A 108 -3.56 21.74 -1.00
CA PRO A 108 -3.35 22.75 -2.04
C PRO A 108 -3.08 24.15 -1.51
N TYR A 109 -3.45 24.44 -0.27
CA TYR A 109 -3.31 25.78 0.30
C TYR A 109 -2.10 25.89 1.23
N LEU A 110 -1.18 24.93 1.17
CA LEU A 110 0.00 24.96 2.02
C LEU A 110 1.02 25.97 1.49
N LYS A 111 1.75 26.58 2.42
CA LYS A 111 2.82 27.50 2.09
C LYS A 111 4.16 26.77 2.13
N VAL A 112 5.18 27.42 1.57
CA VAL A 112 6.51 26.85 1.50
C VAL A 112 6.99 26.53 2.92
N PRO A 113 7.98 25.65 3.09
CA PRO A 113 8.34 25.22 4.45
C PRO A 113 8.87 26.33 5.32
N THR A 114 9.58 27.31 4.74
CA THR A 114 10.19 28.35 5.55
C THR A 114 9.17 29.30 6.16
N GLU A 115 7.95 29.34 5.63
CA GLU A 115 6.92 30.25 6.10
C GLU A 115 5.97 29.54 7.06
N MET A 116 5.13 30.32 7.71
CA MET A 116 4.23 29.84 8.76
C MET A 116 2.85 29.57 8.18
N ASN A 117 2.22 28.50 8.64
CA ASN A 117 0.85 28.17 8.27
C ASN A 117 -0.09 28.54 9.41
N HIS A 118 -1.13 29.29 9.08
CA HIS A 118 -2.14 29.74 10.04
C HIS A 118 -3.47 29.07 9.72
N LEU A 119 -4.09 28.47 10.72
CA LEU A 119 -5.40 27.84 10.59
C LEU A 119 -6.33 28.46 11.63
N ASP A 120 -7.34 29.18 11.15
CA ASP A 120 -8.34 29.78 12.01
C ASP A 120 -9.62 28.96 11.95
N LEU A 121 -10.29 28.85 13.09
CA LEU A 121 -11.54 28.11 13.21
C LEU A 121 -12.54 29.00 13.94
N HIS A 122 -13.52 29.51 13.20
CA HIS A 122 -14.53 30.42 13.75
C HIS A 122 -15.79 29.64 14.08
N TYR A 123 -16.39 29.98 15.22
CA TYR A 123 -17.55 29.27 15.72
C TYR A 123 -18.43 30.23 16.50
N LEU A 124 -19.70 29.86 16.64
CA LEU A 124 -20.65 30.62 17.43
C LEU A 124 -20.80 30.08 18.85
N ASN A 125 -20.31 28.87 19.11
CA ASN A 125 -20.43 28.23 20.42
C ASN A 125 -19.72 26.89 20.32
N ILE A 126 -19.42 26.31 21.49
CA ILE A 126 -18.80 24.99 21.57
C ILE A 126 -19.38 24.30 22.81
N ASP A 127 -20.18 23.26 22.60
CA ASP A 127 -20.82 22.54 23.69
C ASP A 127 -19.94 21.45 24.26
N LYS A 128 -19.00 20.91 23.46
CA LYS A 128 -18.12 19.84 23.89
C LYS A 128 -16.70 20.15 23.45
N GLU A 129 -15.73 19.60 24.19
CA GLU A 129 -14.33 19.81 23.86
C GLU A 129 -13.94 18.97 22.66
N TYR A 130 -13.04 19.51 21.84
CA TYR A 130 -12.60 18.85 20.62
C TYR A 130 -11.09 18.73 20.58
N SER A 131 -10.61 17.69 19.90
CA SER A 131 -9.20 17.51 19.59
C SER A 131 -9.00 17.72 18.10
N ILE A 132 -8.03 18.57 17.76
CA ILE A 132 -7.69 18.91 16.38
C ILE A 132 -6.30 18.37 16.11
N SER A 133 -6.16 17.59 15.03
CA SER A 133 -4.90 16.98 14.64
C SER A 133 -4.69 17.17 13.15
N CYS A 134 -3.45 16.94 12.71
CA CYS A 134 -3.11 16.99 11.30
C CYS A 134 -2.20 15.82 10.96
N PHE A 135 -2.51 15.12 9.88
CA PHE A 135 -1.75 13.95 9.47
C PHE A 135 -1.49 13.99 7.98
N ILE A 136 -0.31 13.54 7.58
CA ILE A 136 -0.11 13.14 6.20
C ILE A 136 -0.70 11.75 6.04
N VAL A 137 -1.44 11.54 4.96
CA VAL A 137 -2.20 10.31 4.76
C VAL A 137 -2.13 9.91 3.30
N GLU A 138 -2.16 8.60 3.06
CA GLU A 138 -2.35 8.06 1.73
C GLU A 138 -3.85 7.84 1.52
N VAL A 139 -4.38 8.45 0.47
CA VAL A 139 -5.81 8.39 0.17
C VAL A 139 -6.05 7.34 -0.90
N PHE A 140 -7.24 6.74 -0.86
CA PHE A 140 -7.66 5.72 -1.82
C PHE A 140 -9.04 6.08 -2.35
N SER A 141 -9.20 5.94 -3.66
CA SER A 141 -10.46 6.29 -4.30
C SER A 141 -11.42 5.11 -4.28
N PRO A 142 -12.72 5.35 -4.49
CA PRO A 142 -13.67 4.24 -4.52
C PRO A 142 -13.33 3.16 -5.54
N GLU A 143 -12.68 3.51 -6.66
CA GLU A 143 -12.40 2.52 -7.68
C GLU A 143 -11.35 1.52 -7.21
N ALA A 144 -10.27 2.00 -6.57
CA ALA A 144 -9.27 1.08 -6.03
C ALA A 144 -9.88 0.19 -4.95
N LEU A 145 -10.72 0.74 -4.09
CA LEU A 145 -11.37 -0.06 -3.06
C LEU A 145 -12.30 -1.09 -3.69
N LEU A 146 -12.97 -0.74 -4.78
CA LEU A 146 -13.76 -1.72 -5.52
C LEU A 146 -12.87 -2.84 -6.05
N GLY A 147 -11.68 -2.49 -6.56
CA GLY A 147 -10.75 -3.51 -6.99
C GLY A 147 -10.38 -4.44 -5.85
N LYS A 148 -10.14 -3.88 -4.67
CA LYS A 148 -9.88 -4.72 -3.50
C LYS A 148 -11.05 -5.67 -3.22
N ILE A 149 -12.28 -5.13 -3.27
CA ILE A 149 -13.45 -5.95 -2.99
C ILE A 149 -13.57 -7.08 -4.00
N LEU A 150 -13.32 -6.78 -5.27
CA LEU A 150 -13.46 -7.80 -6.31
C LEU A 150 -12.47 -8.94 -6.12
N LYS A 151 -11.27 -8.62 -5.65
CA LYS A 151 -10.25 -9.65 -5.45
C LYS A 151 -10.58 -10.59 -4.30
N ARG A 152 -11.59 -10.28 -3.49
CA ARG A 152 -11.97 -11.13 -2.38
C ARG A 152 -12.79 -12.31 -2.86
N PRO A 153 -12.91 -13.35 -2.03
CA PRO A 153 -13.81 -14.45 -2.37
C PRO A 153 -15.27 -14.00 -2.26
N LYS A 154 -16.06 -14.34 -3.27
CA LYS A 154 -17.45 -13.93 -3.30
C LYS A 154 -18.29 -14.81 -2.38
N ILE A 155 -19.54 -14.41 -2.18
CA ILE A 155 -20.51 -15.22 -1.43
C ILE A 155 -21.06 -16.28 -2.38
N ILE A 156 -20.73 -17.54 -2.10
CA ILE A 156 -21.06 -18.60 -3.03
C ILE A 156 -22.57 -18.69 -3.24
N LYS A 157 -22.96 -19.11 -4.46
CA LYS A 157 -24.38 -19.23 -4.79
C LYS A 157 -25.06 -20.34 -3.99
N GLN A 158 -24.31 -21.39 -3.61
CA GLN A 158 -24.89 -22.44 -2.79
C GLN A 158 -25.42 -21.88 -1.48
N ALA A 159 -24.68 -20.95 -0.86
CA ALA A 159 -25.13 -20.36 0.39
C ALA A 159 -26.43 -19.59 0.20
N THR A 160 -26.54 -18.84 -0.90
CA THR A 160 -27.75 -18.07 -1.15
C THR A 160 -28.94 -18.99 -1.40
N THR A 161 -28.74 -20.07 -2.17
CA THR A 161 -29.82 -21.02 -2.39
C THR A 161 -30.26 -21.67 -1.08
N ALA A 162 -29.29 -22.05 -0.24
CA ALA A 162 -29.63 -22.63 1.05
C ALA A 162 -30.43 -21.64 1.90
N TYR A 163 -30.02 -20.36 1.90
CA TYR A 163 -30.74 -19.36 2.65
C TYR A 163 -32.17 -19.20 2.13
N ILE A 164 -32.33 -19.17 0.81
CA ILE A 164 -33.67 -19.04 0.23
C ILE A 164 -34.54 -20.21 0.66
N LYS A 165 -34.00 -21.43 0.57
CA LYS A 165 -34.79 -22.60 0.93
C LYS A 165 -35.14 -22.60 2.42
N ARG A 166 -34.21 -22.13 3.26
CA ARG A 166 -34.47 -22.11 4.70
C ARG A 166 -35.46 -21.02 5.08
N THR A 167 -35.51 -19.94 4.30
CA THR A 167 -36.36 -18.81 4.65
C THR A 167 -37.78 -19.00 4.14
N LEU A 168 -37.93 -19.27 2.83
CA LEU A 168 -39.27 -19.31 2.24
C LEU A 168 -40.19 -20.33 2.91
N ASN A 169 -39.65 -21.25 3.71
CA ASN A 169 -40.47 -22.11 4.56
C ASN A 169 -40.84 -21.32 5.81
N GLU A 170 -41.74 -20.35 5.62
CA GLU A 170 -42.09 -19.39 6.65
C GLU A 170 -43.19 -19.94 7.57
N GLN A 171 -44.32 -20.34 7.00
CA GLN A 171 -45.44 -20.86 7.78
C GLN A 171 -45.43 -22.38 7.78
N THR A 179 -45.40 -17.46 -1.48
CA THR A 179 -45.04 -18.39 -2.54
C THR A 179 -43.71 -17.99 -3.17
N SER A 180 -43.67 -16.80 -3.77
CA SER A 180 -42.49 -16.30 -4.46
C SER A 180 -42.06 -14.96 -3.87
N THR A 181 -40.77 -14.67 -4.00
CA THR A 181 -40.19 -13.42 -3.52
C THR A 181 -39.57 -12.68 -4.70
N VAL A 182 -39.50 -11.36 -4.59
CA VAL A 182 -39.03 -10.50 -5.67
C VAL A 182 -37.62 -10.04 -5.36
N LEU A 183 -36.68 -10.38 -6.25
CA LEU A 183 -35.30 -9.92 -6.17
C LEU A 183 -35.11 -8.80 -7.19
N SER A 184 -34.70 -7.63 -6.71
CA SER A 184 -34.44 -6.49 -7.57
C SER A 184 -33.01 -6.55 -8.09
N LEU A 185 -32.85 -6.30 -9.38
CA LEU A 185 -31.52 -6.15 -9.99
C LEU A 185 -31.04 -4.71 -9.96
N GLN A 186 -31.79 -3.80 -9.34
CA GLN A 186 -31.46 -2.39 -9.29
C GLN A 186 -30.77 -2.06 -7.97
N CYS A 187 -29.94 -1.03 -8.01
CA CYS A 187 -29.25 -0.57 -6.81
C CYS A 187 -30.13 0.42 -6.06
N PRO A 188 -30.25 0.31 -4.73
CA PRO A 188 -31.06 1.29 -4.00
C PRO A 188 -30.48 2.70 -4.08
N ILE A 189 -29.17 2.83 -4.19
CA ILE A 189 -28.53 4.14 -4.18
C ILE A 189 -28.60 4.80 -5.54
N SER A 190 -28.17 4.08 -6.58
CA SER A 190 -28.08 4.66 -7.91
C SER A 190 -29.37 4.55 -8.71
N CYS A 191 -30.27 3.64 -8.32
CA CYS A 191 -31.52 3.42 -9.06
C CYS A 191 -31.24 2.97 -10.49
N THR A 192 -30.12 2.27 -10.68
CA THR A 192 -29.74 1.74 -11.98
C THR A 192 -29.35 0.28 -11.81
N ARG A 193 -29.22 -0.42 -12.92
CA ARG A 193 -28.84 -1.83 -12.89
C ARG A 193 -27.49 -2.01 -12.21
N MET A 194 -27.45 -2.87 -11.21
CA MET A 194 -26.21 -3.10 -10.48
C MET A 194 -25.15 -3.69 -11.39
N LYS A 195 -23.92 -3.24 -11.20
CA LYS A 195 -22.76 -3.84 -11.87
C LYS A 195 -21.94 -4.70 -10.93
N TYR A 196 -21.86 -4.36 -9.65
CA TYR A 196 -21.09 -5.10 -8.65
C TYR A 196 -21.99 -5.39 -7.45
N PRO A 197 -22.92 -6.33 -7.59
CA PRO A 197 -23.87 -6.60 -6.50
C PRO A 197 -23.13 -7.19 -5.30
N ALA A 198 -23.16 -6.46 -4.18
CA ALA A 198 -22.40 -6.82 -3.00
C ALA A 198 -23.28 -6.71 -1.76
N LYS A 199 -22.78 -7.31 -0.67
CA LYS A 199 -23.41 -7.23 0.64
C LYS A 199 -22.44 -7.82 1.67
N THR A 200 -22.96 -8.26 2.81
CA THR A 200 -22.12 -8.87 3.83
C THR A 200 -22.74 -10.20 4.28
N ASP A 201 -21.89 -11.08 4.78
CA ASP A 201 -22.38 -12.30 5.41
C ASP A 201 -23.24 -12.01 6.63
N GLN A 202 -23.11 -10.82 7.20
CA GLN A 202 -23.92 -10.41 8.34
C GLN A 202 -25.31 -9.95 7.94
N CYS A 203 -25.57 -9.79 6.65
CA CYS A 203 -26.84 -9.28 6.16
C CYS A 203 -27.83 -10.43 5.99
N LYS A 204 -29.03 -10.25 6.53
CA LYS A 204 -30.07 -11.27 6.47
C LYS A 204 -31.08 -10.94 5.37
N HIS A 205 -30.57 -10.87 4.15
CA HIS A 205 -31.39 -10.56 2.98
C HIS A 205 -30.62 -10.89 1.72
N ILE A 206 -31.34 -11.34 0.69
CA ILE A 206 -30.70 -11.68 -0.58
C ILE A 206 -30.48 -10.45 -1.45
N GLN A 207 -31.16 -9.34 -1.17
CA GLN A 207 -30.96 -8.13 -1.97
C GLN A 207 -29.55 -7.59 -1.78
N CYS A 208 -29.03 -6.97 -2.84
CA CYS A 208 -27.67 -6.45 -2.86
C CYS A 208 -27.70 -4.99 -3.25
N PHE A 209 -26.52 -4.36 -3.22
CA PHE A 209 -26.34 -2.99 -3.63
C PHE A 209 -25.01 -2.88 -4.38
N ASP A 210 -24.94 -1.93 -5.31
CA ASP A 210 -23.72 -1.75 -6.09
C ASP A 210 -22.59 -1.30 -5.17
N ALA A 211 -21.51 -2.08 -5.15
CA ALA A 211 -20.39 -1.77 -4.28
C ALA A 211 -19.79 -0.41 -4.60
N LEU A 212 -19.67 -0.08 -5.89
CA LEU A 212 -19.05 1.17 -6.28
C LEU A 212 -19.89 2.37 -5.83
N TRP A 213 -21.19 2.30 -6.03
CA TRP A 213 -22.05 3.39 -5.59
C TRP A 213 -22.09 3.50 -4.07
N PHE A 214 -22.03 2.36 -3.36
CA PHE A 214 -21.95 2.40 -1.92
C PHE A 214 -20.67 3.10 -1.46
N LEU A 215 -19.53 2.76 -2.06
CA LEU A 215 -18.28 3.40 -1.70
C LEU A 215 -18.30 4.88 -2.06
N HIS A 216 -18.98 5.25 -3.15
CA HIS A 216 -19.12 6.65 -3.52
C HIS A 216 -19.94 7.40 -2.48
N SER A 217 -21.03 6.79 -2.01
CA SER A 217 -21.86 7.40 -0.97
C SER A 217 -21.07 7.57 0.31
N GLN A 218 -20.35 6.52 0.74
CA GLN A 218 -19.64 6.57 2.01
C GLN A 218 -18.46 7.54 1.96
N SER A 219 -17.90 7.79 0.78
CA SER A 219 -16.79 8.72 0.67
C SER A 219 -17.19 10.15 1.02
N GLN A 220 -18.49 10.44 1.12
CA GLN A 220 -18.97 11.77 1.44
C GLN A 220 -19.92 11.80 2.63
N VAL A 221 -20.48 10.66 3.04
CA VAL A 221 -21.29 10.57 4.25
C VAL A 221 -20.97 9.25 4.94
N PRO A 222 -19.92 9.17 5.75
CA PRO A 222 -19.52 7.88 6.33
C PRO A 222 -20.48 7.33 7.37
N THR A 223 -21.66 6.89 6.95
CA THR A 223 -22.58 6.23 7.85
C THR A 223 -22.24 4.75 8.01
N TRP A 224 -21.73 4.12 6.96
CA TRP A 224 -21.37 2.71 6.96
C TRP A 224 -22.52 1.85 7.50
N GLN A 225 -23.71 2.10 6.94
CA GLN A 225 -24.90 1.31 7.22
C GLN A 225 -25.40 0.72 5.92
N CYS A 226 -25.77 -0.56 5.95
CA CYS A 226 -26.28 -1.22 4.78
C CYS A 226 -27.46 -0.42 4.21
N PRO A 227 -27.45 -0.07 2.91
CA PRO A 227 -28.56 0.69 2.34
C PRO A 227 -29.90 -0.04 2.37
N ILE A 228 -29.93 -1.30 2.83
CA ILE A 228 -31.15 -2.10 2.84
C ILE A 228 -31.62 -2.34 4.27
N CYS A 229 -30.78 -2.95 5.10
CA CYS A 229 -31.14 -3.28 6.48
C CYS A 229 -30.62 -2.28 7.50
N GLN A 230 -29.79 -1.32 7.08
CA GLN A 230 -29.25 -0.26 7.93
C GLN A 230 -28.38 -0.79 9.06
N HIS A 231 -28.03 -2.08 9.04
CA HIS A 231 -27.08 -2.58 10.03
C HIS A 231 -25.71 -1.95 9.82
N PRO A 232 -24.99 -1.62 10.89
CA PRO A 232 -23.63 -1.07 10.72
C PRO A 232 -22.69 -2.15 10.20
N ILE A 233 -22.07 -1.88 9.05
CA ILE A 233 -21.13 -2.80 8.44
C ILE A 233 -19.78 -2.09 8.31
N LYS A 234 -18.78 -2.84 7.88
CA LYS A 234 -17.43 -2.35 7.74
C LYS A 234 -16.89 -2.74 6.37
N PHE A 235 -15.88 -1.99 5.92
CA PHE A 235 -15.37 -2.16 4.56
C PHE A 235 -14.95 -3.60 4.29
N ASP A 236 -14.28 -4.23 5.26
CA ASP A 236 -13.75 -5.57 5.04
C ASP A 236 -14.84 -6.64 5.02
N GLN A 237 -16.08 -6.30 5.34
CA GLN A 237 -17.18 -7.26 5.25
C GLN A 237 -17.83 -7.29 3.87
N LEU A 238 -17.58 -6.29 3.03
CA LEU A 238 -18.19 -6.23 1.72
C LEU A 238 -17.67 -7.35 0.83
N LYS A 239 -18.58 -8.08 0.21
CA LYS A 239 -18.22 -9.14 -0.74
C LYS A 239 -19.30 -9.22 -1.81
N ILE A 240 -18.89 -9.68 -2.99
CA ILE A 240 -19.81 -9.81 -4.12
C ILE A 240 -20.69 -11.03 -3.91
N SER A 241 -21.95 -10.92 -4.34
CA SER A 241 -22.90 -12.03 -4.29
C SER A 241 -22.88 -12.76 -5.63
N GLU A 242 -22.40 -14.00 -5.63
CA GLU A 242 -22.32 -14.76 -6.86
C GLU A 242 -23.70 -15.02 -7.46
N PHE A 243 -24.71 -15.20 -6.62
CA PHE A 243 -26.04 -15.52 -7.11
C PHE A 243 -26.61 -14.37 -7.94
N VAL A 244 -26.70 -13.18 -7.34
CA VAL A 244 -27.24 -12.02 -8.06
C VAL A 244 -26.34 -11.67 -9.23
N ASP A 245 -25.03 -11.84 -9.07
CA ASP A 245 -24.10 -11.53 -10.16
C ASP A 245 -24.38 -12.42 -11.37
N ASN A 246 -24.58 -13.72 -11.13
CA ASN A 246 -24.89 -14.63 -12.24
C ASN A 246 -26.25 -14.33 -12.84
N ILE A 247 -27.23 -13.96 -12.00
CA ILE A 247 -28.53 -13.59 -12.54
C ILE A 247 -28.41 -12.39 -13.46
N ILE A 248 -27.58 -11.40 -13.07
CA ILE A 248 -27.43 -10.21 -13.89
C ILE A 248 -26.69 -10.53 -15.18
N GLN A 249 -25.61 -11.32 -15.09
CA GLN A 249 -24.83 -11.63 -16.29
C GLN A 249 -25.64 -12.45 -17.29
N ASN A 250 -26.75 -13.05 -16.87
CA ASN A 250 -27.60 -13.85 -17.74
C ASN A 250 -29.00 -13.24 -17.85
N CYS A 251 -29.05 -11.92 -17.98
CA CYS A 251 -30.30 -11.20 -18.14
C CYS A 251 -30.08 -10.02 -19.09
N ASN A 252 -31.16 -9.59 -19.74
CA ASN A 252 -31.12 -8.43 -20.61
C ASN A 252 -31.36 -7.17 -19.81
N GLU A 253 -30.74 -6.08 -20.26
CA GLU A 253 -30.81 -4.80 -19.55
C GLU A 253 -32.23 -4.42 -19.18
N ASP A 254 -33.23 -4.90 -19.92
CA ASP A 254 -34.61 -4.48 -19.68
C ASP A 254 -35.11 -4.89 -18.30
N VAL A 255 -34.62 -6.00 -17.77
CA VAL A 255 -35.18 -6.58 -16.56
C VAL A 255 -34.74 -5.78 -15.34
N GLU A 256 -35.71 -5.39 -14.51
CA GLU A 256 -35.44 -4.71 -13.25
C GLU A 256 -35.72 -5.56 -12.03
N GLN A 257 -36.65 -6.51 -12.12
CA GLN A 257 -36.99 -7.41 -11.04
C GLN A 257 -36.95 -8.84 -11.54
N VAL A 258 -37.01 -9.78 -10.60
CA VAL A 258 -37.01 -11.21 -10.93
C VAL A 258 -37.76 -11.95 -9.83
N GLU A 259 -38.45 -13.02 -10.22
CA GLU A 259 -39.24 -13.83 -9.30
C GLU A 259 -38.42 -15.04 -8.87
N ILE A 260 -38.39 -15.30 -7.57
CA ILE A 260 -37.60 -16.37 -6.97
C ILE A 260 -38.55 -17.27 -6.20
N SER A 261 -38.38 -18.58 -6.38
CA SER A 261 -39.17 -19.59 -5.69
C SER A 261 -38.30 -20.35 -4.71
N VAL A 262 -38.90 -21.30 -4.01
CA VAL A 262 -38.15 -22.12 -3.04
C VAL A 262 -37.11 -22.98 -3.74
N ASP A 263 -37.27 -23.21 -5.05
CA ASP A 263 -36.34 -24.05 -5.78
C ASP A 263 -34.99 -23.38 -6.01
N GLY A 264 -34.89 -22.07 -5.81
CA GLY A 264 -33.72 -21.32 -6.19
C GLY A 264 -33.71 -20.86 -7.63
N SER A 265 -34.60 -21.40 -8.46
CA SER A 265 -34.73 -20.93 -9.83
C SER A 265 -35.29 -19.52 -9.84
N TRP A 266 -35.19 -18.86 -11.00
CA TRP A 266 -35.56 -17.47 -11.12
C TRP A 266 -36.18 -17.20 -12.49
N LYS A 267 -37.20 -16.35 -12.50
CA LYS A 267 -37.95 -16.02 -13.71
C LYS A 267 -37.97 -14.51 -13.91
N PRO A 268 -37.64 -14.01 -15.09
CA PRO A 268 -37.80 -12.56 -15.34
C PRO A 268 -39.26 -12.15 -15.19
N ILE A 269 -39.48 -11.04 -14.49
CA ILE A 269 -40.83 -10.50 -14.33
C ILE A 269 -41.06 -9.40 -15.35
N LEU B 2 17.56 -15.02 -11.36
CA LEU B 2 18.99 -15.06 -11.12
C LEU B 2 19.30 -14.91 -9.63
N PHE B 3 20.12 -15.82 -9.12
CA PHE B 3 20.53 -15.79 -7.71
C PHE B 3 21.77 -14.92 -7.54
N THR B 4 21.63 -13.67 -7.95
CA THR B 4 22.62 -12.63 -7.71
C THR B 4 22.13 -11.61 -6.69
N SER B 5 21.05 -11.93 -5.97
CA SER B 5 20.39 -11.01 -5.05
C SER B 5 20.61 -11.44 -3.60
N PRO B 6 20.68 -10.48 -2.68
CA PRO B 6 20.91 -10.83 -1.26
C PRO B 6 19.66 -11.27 -0.52
N PHE B 7 18.48 -11.20 -1.15
CA PHE B 7 17.25 -11.51 -0.43
C PHE B 7 16.95 -13.00 -0.40
N TYR B 8 17.33 -13.72 -1.45
CA TYR B 8 17.04 -15.14 -1.53
C TYR B 8 18.27 -15.89 -2.01
N LYS B 9 18.51 -17.07 -1.43
CA LYS B 9 19.62 -17.93 -1.84
C LYS B 9 19.11 -19.33 -2.10
N PRO B 10 19.58 -19.98 -3.17
CA PRO B 10 19.02 -21.30 -3.53
C PRO B 10 19.51 -22.40 -2.61
N ILE B 11 18.61 -23.34 -2.31
CA ILE B 11 18.92 -24.53 -1.51
C ILE B 11 18.77 -25.79 -2.35
N VAL B 12 17.61 -25.98 -2.97
CA VAL B 12 17.35 -27.11 -3.84
C VAL B 12 16.53 -26.64 -5.03
N GLN B 13 16.80 -27.19 -6.19
CA GLN B 13 15.94 -27.01 -7.35
C GLN B 13 14.85 -28.08 -7.32
N ILE B 14 13.61 -27.65 -7.52
CA ILE B 14 12.48 -28.58 -7.57
C ILE B 14 12.54 -29.32 -8.91
N PRO B 15 12.63 -30.64 -8.93
CA PRO B 15 12.66 -31.36 -10.20
C PRO B 15 11.28 -31.40 -10.84
N ASP B 16 11.27 -31.49 -12.17
CA ASP B 16 10.05 -31.55 -12.97
C ASP B 16 9.21 -30.27 -12.87
N ALA B 17 9.76 -29.21 -12.28
CA ALA B 17 9.09 -27.91 -12.20
C ALA B 17 9.71 -26.89 -13.16
N ASN B 18 10.32 -27.37 -14.23
CA ASN B 18 10.86 -26.52 -15.28
C ASN B 18 9.91 -26.48 -16.46
N LYS B 19 9.90 -25.36 -17.17
CA LYS B 19 9.12 -25.27 -18.38
C LYS B 19 9.65 -24.12 -19.24
N LYS B 20 9.45 -24.24 -20.55
CA LYS B 20 9.83 -23.21 -21.49
C LYS B 20 8.58 -22.70 -22.19
N LEU B 21 8.34 -21.40 -22.08
CA LEU B 21 7.24 -20.74 -22.78
C LEU B 21 7.74 -20.22 -24.12
N LYS B 22 7.06 -20.62 -25.19
CA LYS B 22 7.40 -20.23 -26.54
C LYS B 22 6.56 -19.04 -26.98
N GLN B 23 7.02 -18.38 -28.04
CA GLN B 23 6.30 -17.23 -28.57
C GLN B 23 4.90 -17.64 -29.01
N SER B 24 3.95 -16.73 -28.84
CA SER B 24 2.58 -16.93 -29.26
C SER B 24 2.02 -15.59 -29.75
N ALA B 25 1.41 -15.61 -30.93
CA ALA B 25 0.82 -14.39 -31.46
C ALA B 25 -0.48 -14.04 -30.75
N GLY B 26 -1.33 -15.03 -30.51
CA GLY B 26 -2.60 -14.83 -29.85
C GLY B 26 -2.58 -15.24 -28.39
N ARG B 27 -3.77 -15.22 -27.79
CA ARG B 27 -3.91 -15.55 -26.38
C ARG B 27 -3.74 -17.05 -26.16
N GLY B 28 -3.52 -17.43 -24.91
CA GLY B 28 -3.34 -18.83 -24.59
C GLY B 28 -3.05 -19.01 -23.12
N CYS B 29 -2.83 -20.27 -22.76
CA CYS B 29 -2.53 -20.64 -21.38
C CYS B 29 -1.53 -21.78 -21.37
N THR B 30 -0.41 -21.58 -20.67
CA THR B 30 0.58 -22.62 -20.46
C THR B 30 0.41 -23.19 -19.06
N LYS B 31 0.32 -24.51 -18.96
CA LYS B 31 0.13 -25.20 -17.69
C LYS B 31 1.39 -25.98 -17.33
N MET B 32 1.74 -25.95 -16.05
CA MET B 32 2.87 -26.74 -15.54
C MET B 32 2.40 -27.52 -14.33
N LYS B 33 2.46 -28.84 -14.42
CA LYS B 33 2.09 -29.72 -13.31
C LYS B 33 3.35 -30.31 -12.69
N PHE B 34 3.38 -30.33 -11.35
CA PHE B 34 4.52 -30.91 -10.66
C PHE B 34 4.15 -31.22 -9.23
N LYS B 35 4.82 -32.23 -8.66
CA LYS B 35 4.66 -32.61 -7.27
C LYS B 35 5.89 -32.16 -6.48
N VAL B 36 5.66 -31.83 -5.20
CA VAL B 36 6.72 -31.51 -4.26
C VAL B 36 6.81 -32.67 -3.27
N SER B 37 7.97 -33.31 -3.23
CA SER B 37 8.14 -34.50 -2.40
C SER B 37 7.90 -34.19 -0.93
N LYS B 38 7.61 -35.24 -0.17
CA LYS B 38 7.49 -35.08 1.29
C LYS B 38 8.81 -34.65 1.91
N SER B 39 9.93 -35.07 1.34
CA SER B 39 11.22 -34.63 1.85
C SER B 39 11.39 -33.13 1.69
N ASN B 40 10.92 -32.58 0.56
CA ASN B 40 10.99 -31.14 0.37
C ASN B 40 10.01 -30.41 1.28
N HIS B 41 8.86 -31.00 1.56
CA HIS B 41 7.97 -30.43 2.57
C HIS B 41 8.66 -30.37 3.93
N ASP B 42 9.32 -31.46 4.31
CA ASP B 42 10.07 -31.47 5.57
C ASP B 42 11.14 -30.39 5.56
N LEU B 43 11.87 -30.25 4.46
CA LEU B 43 12.90 -29.22 4.37
C LEU B 43 12.29 -27.83 4.54
N LEU B 44 11.14 -27.58 3.94
CA LEU B 44 10.46 -26.30 4.13
C LEU B 44 10.11 -26.10 5.60
N LYS B 45 9.56 -27.14 6.23
CA LYS B 45 9.24 -27.06 7.65
C LYS B 45 10.50 -27.08 8.52
N SER B 46 11.63 -27.50 7.97
CA SER B 46 12.87 -27.59 8.73
C SER B 46 13.50 -26.23 9.01
N ASN B 47 12.99 -25.15 8.41
CA ASN B 47 13.57 -23.82 8.61
C ASN B 47 12.55 -22.79 8.19
N LYS B 48 12.15 -21.94 9.14
CA LYS B 48 11.08 -20.97 8.89
C LYS B 48 11.44 -20.02 7.74
N SER B 49 12.71 -19.87 7.42
CA SER B 49 13.15 -18.94 6.37
C SER B 49 13.13 -19.57 4.98
N TYR B 50 12.77 -20.85 4.86
CA TYR B 50 12.76 -21.52 3.57
C TYR B 50 11.41 -21.33 2.89
N LYS B 51 11.46 -20.98 1.60
CA LYS B 51 10.27 -20.70 0.82
C LYS B 51 10.41 -21.34 -0.56
N LEU B 52 9.28 -21.73 -1.13
CA LEU B 52 9.25 -22.24 -2.50
C LEU B 52 8.98 -21.06 -3.43
N TYR B 53 9.99 -20.69 -4.21
CA TYR B 53 9.92 -19.54 -5.10
C TYR B 53 9.86 -19.99 -6.55
N LEU B 54 9.06 -19.29 -7.34
CA LEU B 54 8.98 -19.47 -8.77
C LEU B 54 9.83 -18.38 -9.44
N PHE B 55 10.69 -18.80 -10.36
CA PHE B 55 11.55 -17.89 -11.10
C PHE B 55 11.24 -17.99 -12.59
N SER B 56 11.52 -16.91 -13.31
CA SER B 56 11.28 -16.84 -14.74
C SER B 56 12.27 -15.87 -15.35
N GLY B 57 12.80 -16.24 -16.51
CA GLY B 57 13.79 -15.40 -17.16
C GLY B 57 13.78 -15.60 -18.67
N PHE B 58 14.26 -14.58 -19.37
CA PHE B 58 14.33 -14.67 -20.82
C PHE B 58 15.18 -15.87 -21.23
N SER B 59 14.67 -16.63 -22.20
CA SER B 59 15.31 -17.85 -22.68
C SER B 59 16.01 -17.54 -23.99
N ILE B 60 17.31 -17.29 -23.93
CA ILE B 60 18.10 -16.97 -25.12
C ILE B 60 18.28 -18.25 -25.92
N PRO B 61 17.75 -18.34 -27.14
CA PRO B 61 17.88 -19.58 -27.92
C PRO B 61 19.24 -19.67 -28.60
N PHE B 62 19.50 -20.83 -29.19
CA PHE B 62 20.66 -21.12 -30.01
C PHE B 62 21.93 -21.30 -29.18
N ILE B 63 21.87 -21.16 -27.85
CA ILE B 63 23.04 -21.30 -26.99
C ILE B 63 22.64 -22.11 -25.75
N TYR B 64 23.63 -22.47 -24.96
CA TYR B 64 23.43 -23.18 -23.72
C TYR B 64 23.22 -22.20 -22.57
N GLU B 65 22.32 -22.54 -21.66
CA GLU B 65 22.03 -21.69 -20.51
C GLU B 65 21.79 -22.54 -19.29
N THR B 66 22.26 -22.06 -18.14
CA THR B 66 21.99 -22.70 -16.87
C THR B 66 20.65 -22.24 -16.33
N VAL B 67 19.92 -23.18 -15.72
CA VAL B 67 18.52 -22.94 -15.37
C VAL B 67 18.33 -21.76 -14.43
N GLY B 68 19.40 -21.30 -13.78
CA GLY B 68 19.28 -20.20 -12.83
C GLY B 68 20.04 -18.95 -13.20
N HIS B 69 20.93 -19.05 -14.20
CA HIS B 69 21.79 -17.92 -14.54
C HIS B 69 21.00 -16.73 -15.05
N GLU B 70 19.91 -16.96 -15.77
CA GLU B 70 19.19 -15.89 -16.41
C GLU B 70 18.58 -14.94 -15.38
N ALA B 71 18.54 -13.65 -15.74
CA ALA B 71 17.96 -12.64 -14.87
C ALA B 71 16.44 -12.80 -14.81
N ILE B 72 15.85 -12.27 -13.74
CA ILE B 72 14.43 -12.45 -13.49
C ILE B 72 13.63 -11.56 -14.44
N ASP B 73 12.85 -12.19 -15.33
CA ASP B 73 11.97 -11.47 -16.24
C ASP B 73 10.77 -12.37 -16.51
N PHE B 74 9.63 -12.03 -15.93
CA PHE B 74 8.39 -12.73 -16.22
C PHE B 74 7.76 -12.18 -17.49
N PRO B 75 6.89 -12.95 -18.14
CA PRO B 75 6.11 -12.38 -19.24
C PRO B 75 5.17 -11.30 -18.69
N TYR B 76 5.18 -10.14 -19.35
CA TYR B 76 4.24 -9.08 -19.03
C TYR B 76 3.62 -8.59 -20.32
N PRO B 77 2.28 -8.42 -20.37
CA PRO B 77 1.33 -8.76 -19.31
C PRO B 77 1.06 -10.25 -19.22
N CYS B 78 0.63 -10.73 -18.05
CA CYS B 78 0.39 -12.14 -17.84
C CYS B 78 -0.19 -12.41 -16.46
N GLU B 79 -0.99 -13.47 -16.34
CA GLU B 79 -1.67 -13.83 -15.10
C GLU B 79 -1.17 -15.19 -14.63
N LEU B 80 -0.68 -15.24 -13.39
CA LEU B 80 -0.25 -16.48 -12.76
C LEU B 80 -1.36 -16.99 -11.86
N VAL B 81 -1.53 -18.32 -11.82
CA VAL B 81 -2.52 -18.94 -10.95
C VAL B 81 -1.93 -20.26 -10.45
N PHE B 82 -1.61 -20.31 -9.16
CA PHE B 82 -1.02 -21.50 -8.55
C PHE B 82 -2.09 -22.16 -7.69
N ASN B 83 -2.55 -23.34 -8.13
CA ASN B 83 -3.57 -24.10 -7.42
C ASN B 83 -4.83 -23.26 -7.21
N GLY B 84 -5.26 -22.56 -8.26
CA GLY B 84 -6.50 -21.82 -8.23
C GLY B 84 -6.45 -20.47 -7.56
N THR B 85 -5.31 -20.06 -7.01
CA THR B 85 -5.17 -18.78 -6.34
C THR B 85 -4.29 -17.88 -7.19
N LYS B 86 -4.87 -16.80 -7.70
CA LYS B 86 -4.09 -15.84 -8.48
C LYS B 86 -2.94 -15.31 -7.65
N LEU B 87 -1.77 -15.21 -8.27
CA LEU B 87 -0.57 -14.72 -7.60
C LEU B 87 -0.54 -13.21 -7.70
N GLU B 88 -0.80 -12.53 -6.60
CA GLU B 88 -0.71 -11.07 -6.56
C GLU B 88 0.73 -10.58 -6.53
N ASP B 89 1.70 -11.48 -6.34
CA ASP B 89 3.10 -11.09 -6.32
C ASP B 89 3.43 -10.15 -7.46
N ASN B 90 4.24 -9.13 -7.17
CA ASN B 90 4.72 -8.21 -8.20
C ASN B 90 5.76 -8.97 -9.02
N VAL B 91 5.24 -9.80 -9.94
CA VAL B 91 6.10 -10.73 -10.66
C VAL B 91 7.24 -10.01 -11.35
N LYS B 92 6.92 -8.93 -12.10
CA LYS B 92 7.93 -8.18 -12.84
C LYS B 92 7.66 -6.68 -12.64
N GLY B 93 8.07 -6.17 -11.48
CA GLY B 93 8.02 -4.74 -11.26
C GLY B 93 8.89 -3.99 -12.25
N LEU B 94 8.65 -2.68 -12.32
CA LEU B 94 9.32 -1.82 -13.29
C LEU B 94 9.22 -2.43 -14.69
N LYS B 95 8.02 -2.32 -15.24
CA LYS B 95 7.68 -3.02 -16.48
C LYS B 95 8.55 -2.61 -17.65
N LYS B 96 9.22 -1.46 -17.58
CA LYS B 96 10.03 -0.95 -18.68
C LYS B 96 11.53 -1.17 -18.49
N GLN B 97 11.93 -1.93 -17.48
CA GLN B 97 13.34 -2.27 -17.27
C GLN B 97 13.47 -3.78 -17.16
N ASN B 98 14.35 -4.35 -17.95
CA ASN B 98 14.57 -5.79 -17.97
C ASN B 98 15.57 -6.19 -16.89
N GLY B 99 15.27 -7.27 -16.19
CA GLY B 99 16.09 -7.72 -15.09
C GLY B 99 15.73 -7.13 -13.75
N THR B 100 14.52 -6.59 -13.59
CA THR B 100 14.07 -5.99 -12.35
C THR B 100 12.84 -6.69 -11.79
N GLY B 101 12.60 -7.94 -12.18
CA GLY B 101 11.50 -8.70 -11.65
C GLY B 101 11.85 -9.39 -10.34
N ASN B 102 10.81 -9.87 -9.66
CA ASN B 102 10.97 -10.59 -8.42
C ASN B 102 10.27 -11.94 -8.52
N PRO B 103 10.72 -12.94 -7.77
CA PRO B 103 10.08 -14.25 -7.82
C PRO B 103 8.75 -14.25 -7.09
N ALA B 104 7.93 -15.24 -7.43
CA ALA B 104 6.64 -15.45 -6.79
C ALA B 104 6.79 -16.47 -5.68
N ASN B 105 6.13 -16.22 -4.56
CA ASN B 105 6.16 -17.11 -3.41
C ASN B 105 4.99 -18.09 -3.51
N LEU B 106 5.30 -19.34 -3.80
CA LEU B 106 4.28 -20.39 -3.91
C LEU B 106 4.05 -21.13 -2.61
N THR B 107 4.87 -20.89 -1.58
CA THR B 107 4.80 -21.68 -0.36
C THR B 107 3.41 -21.72 0.26
N PRO B 108 2.73 -20.60 0.51
CA PRO B 108 1.46 -20.66 1.27
C PRO B 108 0.31 -21.32 0.52
N TYR B 109 0.48 -21.65 -0.76
CA TYR B 109 -0.58 -22.28 -1.53
C TYR B 109 -0.22 -23.70 -1.97
N LEU B 110 0.89 -24.24 -1.46
CA LEU B 110 1.30 -25.59 -1.82
C LEU B 110 0.27 -26.61 -1.35
N LYS B 111 0.08 -27.65 -2.16
CA LYS B 111 -0.75 -28.78 -1.76
C LYS B 111 0.08 -29.81 -1.00
N VAL B 112 -0.61 -30.81 -0.46
CA VAL B 112 0.06 -31.91 0.24
C VAL B 112 0.95 -32.64 -0.76
N PRO B 113 2.05 -33.25 -0.33
CA PRO B 113 3.01 -33.82 -1.30
C PRO B 113 2.41 -34.89 -2.19
N THR B 114 1.28 -35.48 -1.80
CA THR B 114 0.69 -36.56 -2.60
C THR B 114 -0.13 -36.03 -3.79
N GLU B 115 -0.58 -34.79 -3.73
CA GLU B 115 -1.42 -34.21 -4.77
C GLU B 115 -0.59 -33.42 -5.76
N MET B 116 -1.03 -33.41 -7.02
CA MET B 116 -0.32 -32.72 -8.08
C MET B 116 -0.61 -31.22 -8.01
N ASN B 117 0.46 -30.42 -7.99
CA ASN B 117 0.33 -28.97 -8.02
C ASN B 117 0.27 -28.49 -9.46
N HIS B 118 -0.67 -27.57 -9.72
CA HIS B 118 -0.88 -27.01 -11.04
C HIS B 118 -0.57 -25.52 -11.01
N LEU B 119 0.24 -25.07 -11.96
CA LEU B 119 0.54 -23.65 -12.14
C LEU B 119 0.10 -23.27 -13.55
N ASP B 120 -0.99 -22.51 -13.64
CA ASP B 120 -1.48 -22.01 -14.90
C ASP B 120 -0.93 -20.61 -15.14
N LEU B 121 -0.66 -20.31 -16.42
CA LEU B 121 -0.08 -19.05 -16.82
C LEU B 121 -0.85 -18.59 -18.05
N HIS B 122 -1.74 -17.60 -17.85
CA HIS B 122 -2.61 -17.11 -18.91
C HIS B 122 -2.02 -15.83 -19.51
N TYR B 123 -2.06 -15.74 -20.83
CA TYR B 123 -1.45 -14.62 -21.52
C TYR B 123 -2.24 -14.28 -22.77
N LEU B 124 -2.00 -13.08 -23.29
CA LEU B 124 -2.59 -12.66 -24.56
C LEU B 124 -1.60 -12.73 -25.71
N ASN B 125 -0.30 -12.75 -25.42
CA ASN B 125 0.73 -12.85 -26.44
C ASN B 125 2.06 -13.06 -25.74
N ILE B 126 3.02 -13.64 -26.47
CA ILE B 126 4.37 -13.89 -25.97
C ILE B 126 5.34 -13.54 -27.09
N ASP B 127 6.10 -12.46 -26.90
CA ASP B 127 7.03 -11.98 -27.92
C ASP B 127 8.42 -12.59 -27.79
N LYS B 128 8.77 -13.11 -26.61
CA LYS B 128 10.06 -13.72 -26.37
C LYS B 128 9.86 -15.04 -25.63
N GLU B 129 10.83 -15.94 -25.79
CA GLU B 129 10.79 -17.21 -25.07
C GLU B 129 11.23 -17.02 -23.63
N TYR B 130 10.59 -17.75 -22.73
CA TYR B 130 10.89 -17.67 -21.30
C TYR B 130 11.19 -19.06 -20.76
N SER B 131 11.98 -19.10 -19.69
CA SER B 131 12.24 -20.30 -18.92
C SER B 131 11.75 -20.05 -17.50
N ILE B 132 10.90 -20.95 -17.00
CA ILE B 132 10.38 -20.87 -15.65
C ILE B 132 10.85 -22.09 -14.87
N SER B 133 11.23 -21.86 -13.61
CA SER B 133 11.72 -22.91 -12.74
C SER B 133 11.22 -22.65 -11.33
N CYS B 134 11.44 -23.62 -10.44
CA CYS B 134 11.02 -23.53 -9.05
C CYS B 134 12.17 -23.97 -8.16
N PHE B 135 12.49 -23.15 -7.16
CA PHE B 135 13.57 -23.44 -6.23
C PHE B 135 13.09 -23.27 -4.81
N ILE B 136 13.55 -24.13 -3.91
CA ILE B 136 13.49 -23.82 -2.49
C ILE B 136 14.64 -22.87 -2.19
N VAL B 137 14.35 -21.81 -1.45
CA VAL B 137 15.32 -20.75 -1.19
C VAL B 137 15.25 -20.36 0.26
N GLU B 138 16.35 -19.82 0.77
CA GLU B 138 16.39 -19.18 2.07
C GLU B 138 16.23 -17.68 1.86
N VAL B 139 15.25 -17.08 2.54
CA VAL B 139 14.89 -15.68 2.37
C VAL B 139 15.56 -14.87 3.47
N PHE B 140 15.93 -13.63 3.13
CA PHE B 140 16.56 -12.71 4.07
C PHE B 140 15.80 -11.40 4.05
N SER B 141 15.40 -10.94 5.23
CA SER B 141 14.67 -9.69 5.34
C SER B 141 15.62 -8.50 5.27
N PRO B 142 15.11 -7.33 4.88
CA PRO B 142 15.96 -6.13 4.89
C PRO B 142 16.60 -5.86 6.24
N GLU B 143 15.96 -6.26 7.35
CA GLU B 143 16.55 -6.01 8.67
C GLU B 143 17.79 -6.88 8.89
N ALA B 144 17.70 -8.16 8.53
CA ALA B 144 18.87 -9.03 8.64
C ALA B 144 20.00 -8.55 7.75
N LEU B 145 19.69 -8.14 6.51
CA LEU B 145 20.72 -7.64 5.61
C LEU B 145 21.33 -6.35 6.15
N LEU B 146 20.51 -5.50 6.77
CA LEU B 146 21.05 -4.32 7.43
C LEU B 146 22.05 -4.72 8.51
N GLY B 147 21.68 -5.69 9.35
CA GLY B 147 22.62 -6.20 10.32
C GLY B 147 23.93 -6.63 9.68
N LYS B 148 23.83 -7.41 8.60
CA LYS B 148 25.02 -7.78 7.84
C LYS B 148 25.86 -6.55 7.51
N ILE B 149 25.21 -5.52 6.96
CA ILE B 149 25.94 -4.32 6.53
C ILE B 149 26.64 -3.67 7.72
N LEU B 150 25.99 -3.65 8.88
CA LEU B 150 26.54 -2.96 10.04
C LEU B 150 27.82 -3.62 10.54
N LYS B 151 27.93 -4.95 10.38
CA LYS B 151 29.13 -5.66 10.82
C LYS B 151 30.34 -5.37 9.94
N ARG B 152 30.15 -4.79 8.77
CA ARG B 152 31.25 -4.53 7.85
C ARG B 152 31.99 -3.27 8.27
N PRO B 153 33.17 -3.03 7.68
CA PRO B 153 33.90 -1.80 8.02
C PRO B 153 33.24 -0.58 7.41
N LYS B 154 33.32 0.53 8.15
CA LYS B 154 32.71 1.78 7.73
C LYS B 154 33.66 2.56 6.83
N ILE B 155 33.11 3.56 6.14
CA ILE B 155 33.92 4.53 5.41
C ILE B 155 34.48 5.52 6.44
N ILE B 156 35.79 5.45 6.69
CA ILE B 156 36.36 6.19 7.80
C ILE B 156 36.15 7.70 7.61
N LYS B 157 36.28 8.43 8.72
CA LYS B 157 36.08 9.87 8.70
C LYS B 157 37.21 10.58 7.95
N GLN B 158 38.43 10.05 8.05
CA GLN B 158 39.57 10.69 7.40
C GLN B 158 39.40 10.73 5.88
N ALA B 159 38.85 9.66 5.31
CA ALA B 159 38.63 9.62 3.86
C ALA B 159 37.65 10.71 3.43
N THR B 160 36.56 10.87 4.17
CA THR B 160 35.58 11.88 3.82
C THR B 160 36.17 13.28 3.97
N THR B 161 36.92 13.52 5.05
CA THR B 161 37.55 14.82 5.21
C THR B 161 38.53 15.12 4.08
N ALA B 162 39.32 14.12 3.68
CA ALA B 162 40.27 14.31 2.60
C ALA B 162 39.56 14.58 1.28
N TYR B 163 38.45 13.89 1.04
CA TYR B 163 37.67 14.13 -0.17
C TYR B 163 37.13 15.55 -0.19
N ILE B 164 36.55 15.99 0.93
CA ILE B 164 36.06 17.36 1.05
C ILE B 164 37.19 18.34 0.72
N LYS B 165 38.34 18.15 1.37
CA LYS B 165 39.49 19.00 1.14
C LYS B 165 39.83 19.09 -0.34
N ARG B 166 40.10 17.94 -0.97
CA ARG B 166 40.62 17.95 -2.33
C ARG B 166 39.58 18.41 -3.33
N THR B 167 38.29 18.19 -3.04
CA THR B 167 37.25 18.54 -4.00
C THR B 167 36.81 20.00 -3.88
N LEU B 168 36.87 20.59 -2.70
CA LEU B 168 36.55 22.00 -2.55
C LEU B 168 37.76 22.90 -2.70
N ASN B 169 38.97 22.34 -2.72
CA ASN B 169 40.14 23.13 -3.12
C ASN B 169 40.03 23.53 -4.59
N GLU B 170 39.50 22.64 -5.43
CA GLU B 170 39.30 22.93 -6.85
C GLU B 170 37.97 23.62 -7.08
N THR B 178 35.31 29.65 -3.13
CA THR B 178 34.75 28.50 -2.45
C THR B 178 34.98 28.62 -0.94
N THR B 179 34.02 28.12 -0.15
CA THR B 179 34.11 28.25 1.30
C THR B 179 33.38 27.13 2.02
N SER B 180 32.16 26.82 1.58
CA SER B 180 31.26 25.97 2.35
C SER B 180 30.58 24.95 1.45
N THR B 181 29.97 23.95 2.09
CA THR B 181 29.12 22.98 1.41
C THR B 181 28.02 22.56 2.37
N VAL B 182 26.93 22.04 1.81
CA VAL B 182 25.77 21.63 2.57
C VAL B 182 25.64 20.12 2.50
N LEU B 183 25.30 19.51 3.63
CA LEU B 183 25.12 18.07 3.74
C LEU B 183 23.74 17.80 4.34
N SER B 184 22.93 17.04 3.63
CA SER B 184 21.59 16.70 4.09
C SER B 184 21.65 15.46 4.97
N LEU B 185 21.01 15.54 6.13
CA LEU B 185 20.86 14.40 7.03
C LEU B 185 19.59 13.60 6.75
N GLN B 186 18.91 13.90 5.64
CA GLN B 186 17.65 13.25 5.30
C GLN B 186 17.89 12.24 4.17
N CYS B 187 17.06 11.21 4.16
CA CYS B 187 17.20 10.15 3.16
C CYS B 187 16.49 10.56 1.88
N PRO B 188 17.13 10.42 0.71
CA PRO B 188 16.44 10.73 -0.55
C PRO B 188 15.27 9.82 -0.84
N ILE B 189 15.14 8.70 -0.12
CA ILE B 189 14.08 7.73 -0.37
C ILE B 189 12.93 7.98 0.59
N SER B 190 13.22 7.94 1.88
CA SER B 190 12.19 8.04 2.91
C SER B 190 11.84 9.48 3.28
N CYS B 191 12.66 10.45 2.89
CA CYS B 191 12.41 11.85 3.22
C CYS B 191 12.33 12.05 4.74
N THR B 192 13.16 11.30 5.46
CA THR B 192 13.27 11.44 6.90
C THR B 192 14.74 11.33 7.29
N ARG B 193 15.04 11.68 8.53
CA ARG B 193 16.42 11.65 8.99
C ARG B 193 16.98 10.24 8.88
N MET B 194 18.21 10.13 8.35
CA MET B 194 18.84 8.83 8.20
C MET B 194 19.25 8.27 9.56
N LYS B 195 18.96 6.99 9.76
CA LYS B 195 19.49 6.27 10.90
C LYS B 195 20.81 5.58 10.57
N TYR B 196 20.91 4.99 9.38
CA TYR B 196 22.07 4.21 8.94
C TYR B 196 22.60 4.84 7.66
N PRO B 197 23.35 5.93 7.75
CA PRO B 197 23.87 6.59 6.53
C PRO B 197 24.83 5.66 5.81
N ALA B 198 24.57 5.43 4.53
CA ALA B 198 25.33 4.45 3.77
C ALA B 198 25.55 4.93 2.33
N LYS B 199 26.65 4.46 1.75
CA LYS B 199 26.92 4.67 0.34
C LYS B 199 27.92 3.60 -0.11
N THR B 200 28.73 3.92 -1.12
CA THR B 200 29.75 3.00 -1.60
C THR B 200 31.08 3.74 -1.76
N ASP B 201 32.16 2.97 -1.73
CA ASP B 201 33.47 3.55 -1.96
C ASP B 201 33.57 4.14 -3.37
N GLN B 202 32.82 3.60 -4.32
CA GLN B 202 32.81 4.13 -5.68
C GLN B 202 31.97 5.40 -5.80
N CYS B 203 31.03 5.61 -4.88
CA CYS B 203 30.22 6.83 -4.89
C CYS B 203 31.09 8.02 -4.48
N LYS B 204 31.29 8.95 -5.40
CA LYS B 204 32.05 10.16 -5.13
C LYS B 204 31.11 11.34 -4.92
N HIS B 205 30.26 11.18 -3.91
CA HIS B 205 29.37 12.23 -3.44
C HIS B 205 29.25 12.08 -1.93
N ILE B 206 29.30 13.21 -1.22
CA ILE B 206 29.35 13.15 0.23
C ILE B 206 28.00 12.72 0.81
N GLN B 207 26.91 13.06 0.14
CA GLN B 207 25.58 12.72 0.66
C GLN B 207 25.39 11.21 0.69
N CYS B 208 24.51 10.76 1.58
CA CYS B 208 24.26 9.35 1.81
C CYS B 208 22.76 9.07 1.73
N PHE B 209 22.42 7.80 1.89
CA PHE B 209 21.04 7.35 1.90
C PHE B 209 20.89 6.27 2.96
N ASP B 210 19.71 6.21 3.58
CA ASP B 210 19.47 5.24 4.62
C ASP B 210 19.59 3.82 4.07
N ALA B 211 20.38 2.99 4.75
CA ALA B 211 20.60 1.63 4.28
C ALA B 211 19.34 0.79 4.36
N LEU B 212 18.61 0.90 5.47
CA LEU B 212 17.40 0.09 5.65
C LEU B 212 16.35 0.44 4.60
N TRP B 213 16.10 1.74 4.38
CA TRP B 213 15.13 2.14 3.38
C TRP B 213 15.59 1.78 1.98
N PHE B 214 16.89 1.86 1.71
CA PHE B 214 17.39 1.43 0.40
C PHE B 214 17.13 -0.06 0.18
N LEU B 215 17.40 -0.88 1.19
CA LEU B 215 17.14 -2.31 1.06
C LEU B 215 15.64 -2.58 0.90
N HIS B 216 14.81 -1.79 1.57
CA HIS B 216 13.37 -1.94 1.40
C HIS B 216 12.96 -1.64 -0.03
N SER B 217 13.44 -0.50 -0.57
CA SER B 217 13.15 -0.17 -1.96
C SER B 217 13.60 -1.28 -2.90
N GLN B 218 14.82 -1.78 -2.70
CA GLN B 218 15.35 -2.81 -3.60
C GLN B 218 14.59 -4.12 -3.44
N SER B 219 14.03 -4.39 -2.26
CA SER B 219 13.16 -5.54 -2.12
C SER B 219 11.85 -5.33 -2.88
N GLN B 220 11.40 -4.08 -3.00
CA GLN B 220 10.23 -3.80 -3.81
C GLN B 220 10.57 -3.86 -5.30
N VAL B 221 11.64 -3.19 -5.71
CA VAL B 221 12.03 -3.13 -7.12
C VAL B 221 13.54 -3.27 -7.21
N PRO B 222 14.07 -4.41 -7.70
CA PRO B 222 15.54 -4.57 -7.74
C PRO B 222 16.20 -3.87 -8.92
N THR B 223 16.29 -2.54 -8.82
CA THR B 223 17.06 -1.76 -9.78
C THR B 223 18.53 -1.65 -9.40
N TRP B 224 18.81 -1.60 -8.10
CA TRP B 224 20.18 -1.55 -7.58
C TRP B 224 20.96 -0.40 -8.20
N GLN B 225 20.36 0.79 -8.15
CA GLN B 225 21.01 2.03 -8.55
C GLN B 225 21.03 2.97 -7.35
N CYS B 226 22.12 3.70 -7.21
CA CYS B 226 22.24 4.66 -6.12
C CYS B 226 21.11 5.69 -6.20
N PRO B 227 20.49 6.04 -5.07
CA PRO B 227 19.45 7.08 -5.11
C PRO B 227 19.98 8.47 -5.45
N ILE B 228 21.29 8.67 -5.45
CA ILE B 228 21.88 9.99 -5.64
C ILE B 228 22.51 10.08 -7.03
N CYS B 229 23.57 9.30 -7.25
CA CYS B 229 24.26 9.29 -8.53
C CYS B 229 23.66 8.33 -9.53
N GLN B 230 22.77 7.43 -9.11
CA GLN B 230 22.13 6.45 -9.99
C GLN B 230 23.15 5.58 -10.71
N HIS B 231 24.32 5.35 -10.09
CA HIS B 231 25.26 4.40 -10.65
C HIS B 231 24.94 2.98 -10.16
N PRO B 232 25.21 1.96 -10.98
CA PRO B 232 24.92 0.58 -10.55
C PRO B 232 25.81 0.18 -9.39
N ILE B 233 25.19 -0.36 -8.34
CA ILE B 233 25.91 -0.81 -7.16
C ILE B 233 25.41 -2.21 -6.80
N LYS B 234 26.14 -2.86 -5.90
CA LYS B 234 25.80 -4.21 -5.45
C LYS B 234 25.78 -4.23 -3.93
N PHE B 235 25.02 -5.18 -3.39
CA PHE B 235 24.88 -5.30 -1.95
C PHE B 235 26.23 -5.42 -1.25
N ASP B 236 27.23 -6.00 -1.94
CA ASP B 236 28.54 -6.19 -1.33
C ASP B 236 29.28 -4.88 -1.11
N GLN B 237 28.94 -3.83 -1.86
CA GLN B 237 29.66 -2.56 -1.81
C GLN B 237 29.13 -1.63 -0.73
N LEU B 238 27.99 -1.94 -0.11
CA LEU B 238 27.38 -1.01 0.84
C LEU B 238 28.19 -0.92 2.12
N LYS B 239 28.36 0.31 2.61
CA LYS B 239 29.05 0.55 3.87
C LYS B 239 28.43 1.78 4.52
N ILE B 240 28.63 1.88 5.84
CA ILE B 240 28.16 3.02 6.61
C ILE B 240 29.25 4.09 6.59
N SER B 241 28.83 5.35 6.59
CA SER B 241 29.73 6.50 6.62
C SER B 241 29.92 6.96 8.05
N GLU B 242 31.16 6.90 8.54
CA GLU B 242 31.42 7.35 9.91
C GLU B 242 31.23 8.86 10.03
N PHE B 243 31.60 9.60 8.99
CA PHE B 243 31.43 11.06 9.00
C PHE B 243 29.98 11.44 9.28
N VAL B 244 29.07 11.04 8.38
CA VAL B 244 27.67 11.41 8.52
C VAL B 244 27.08 10.77 9.77
N ASP B 245 27.50 9.54 10.10
CA ASP B 245 26.97 8.88 11.28
C ASP B 245 27.27 9.69 12.54
N ASN B 246 28.51 10.13 12.70
CA ASN B 246 28.85 10.94 13.86
C ASN B 246 28.17 12.30 13.81
N ILE B 247 28.00 12.88 12.62
CA ILE B 247 27.27 14.14 12.53
C ILE B 247 25.85 13.97 13.04
N ILE B 248 25.23 12.83 12.73
CA ILE B 248 23.84 12.61 13.13
C ILE B 248 23.75 12.30 14.62
N GLN B 249 24.67 11.49 15.14
CA GLN B 249 24.66 11.10 16.54
C GLN B 249 25.15 12.19 17.47
N ASN B 250 25.45 13.38 16.96
CA ASN B 250 25.84 14.53 17.76
C ASN B 250 25.17 15.79 17.23
N CYS B 251 23.93 15.65 16.75
CA CYS B 251 23.18 16.75 16.18
C CYS B 251 21.71 16.61 16.55
N ASN B 252 21.07 17.73 16.85
CA ASN B 252 19.69 17.70 17.30
C ASN B 252 18.76 17.20 16.20
N GLU B 253 17.65 16.59 16.62
CA GLU B 253 16.70 16.04 15.66
C GLU B 253 16.10 17.11 14.76
N ASP B 254 15.94 18.33 15.29
CA ASP B 254 15.36 19.41 14.50
C ASP B 254 16.16 19.70 13.24
N VAL B 255 17.43 19.30 13.18
CA VAL B 255 18.31 19.70 12.10
C VAL B 255 18.08 18.81 10.89
N GLU B 256 17.80 19.42 9.74
CA GLU B 256 17.68 18.71 8.48
C GLU B 256 18.95 18.76 7.64
N GLN B 257 19.73 19.83 7.77
CA GLN B 257 20.93 20.03 6.97
C GLN B 257 22.05 20.53 7.88
N VAL B 258 23.28 20.44 7.38
CA VAL B 258 24.45 20.88 8.12
C VAL B 258 25.44 21.51 7.15
N GLU B 259 25.95 22.69 7.49
CA GLU B 259 26.95 23.36 6.69
C GLU B 259 28.33 23.00 7.20
N ILE B 260 29.20 22.55 6.29
CA ILE B 260 30.55 22.13 6.62
C ILE B 260 31.53 22.87 5.71
N SER B 261 32.65 23.30 6.29
CA SER B 261 33.66 24.06 5.58
C SER B 261 34.76 23.14 5.09
N VAL B 262 35.77 23.74 4.45
CA VAL B 262 36.93 22.99 3.98
C VAL B 262 37.67 22.32 5.13
N ASP B 263 37.52 22.85 6.35
CA ASP B 263 38.22 22.30 7.50
C ASP B 263 37.67 20.95 7.92
N GLY B 264 36.46 20.59 7.47
CA GLY B 264 35.75 19.45 7.99
C GLY B 264 34.83 19.78 9.14
N SER B 265 34.97 20.97 9.73
CA SER B 265 34.04 21.45 10.75
C SER B 265 32.63 21.41 10.21
N TRP B 266 31.64 21.35 11.10
CA TRP B 266 30.25 21.26 10.69
C TRP B 266 29.37 21.93 11.73
N LYS B 267 28.33 22.61 11.27
CA LYS B 267 27.38 23.26 12.16
C LYS B 267 26.00 23.22 11.53
N PRO B 268 24.94 23.10 12.32
CA PRO B 268 23.59 23.07 11.74
C PRO B 268 23.32 24.28 10.86
N ILE B 269 22.35 24.13 9.97
CA ILE B 269 21.94 25.21 9.09
C ILE B 269 20.50 24.98 8.62
ZN ZN C . -27.82 -5.59 4.83
ZN ZN D . 26.15 7.09 -5.35
#